data_6ZPD
#
_entry.id   6ZPD
#
_cell.length_a   167.687
_cell.length_b   167.687
_cell.length_c   167.687
_cell.angle_alpha   90.000
_cell.angle_beta   90.000
_cell.angle_gamma   90.000
#
_symmetry.space_group_name_H-M   'I 4 3 2'
#
loop_
_entity.id
_entity.type
_entity.pdbx_description
1 polymer 'Alpha-tocopherol transfer protein'
2 non-polymer (2R)-2,5,7,8-TETRAMETHYL-2-[(4R,8R)-4,8,12-TRIMETHYLTRIDECYL]CHROMAN-6-OL
3 non-polymer 'SULFATE ION'
4 non-polymer 'CHLORIDE ION'
5 non-polymer 2-AMINO-2-HYDROXYMETHYL-PROPANE-1,3-DIOL
6 water water
#
_entity_poly.entity_id   1
_entity_poly.type   'polypeptide(L)'
_entity_poly.pdbx_seq_one_letter_code
;TDSFLLRFLRARDFDLDLAWRLLKNYYKWRAECPEISADLHPRSIIGLLKAGYHGVLRSRDPTGSKVLIYRIAHWDPKVF
TAYDVFRVSLITSELIVQEVETQRNGIKLIFDLEGWQFSHAFQITPSVAKKIAAVLTDSFPLKVRGIHLINEPVIFHAVF
SMIKPFLTEKIKERIHMHGNNYKQSLLQHFPDILPLEYGGEEFSMEDICQEWTNFIMKSEDYLSSISESIQ
;
_entity_poly.pdbx_strand_id   A
#
# COMPACT_ATOMS: atom_id res chain seq x y z
N THR A 1 -7.95 21.57 -14.68
CA THR A 1 -8.09 20.54 -13.66
C THR A 1 -8.40 19.19 -14.29
N ASP A 2 -7.68 18.16 -13.84
CA ASP A 2 -7.84 16.81 -14.36
C ASP A 2 -9.22 16.25 -14.08
N SER A 3 -9.74 15.46 -15.01
CA SER A 3 -10.95 14.70 -14.79
C SER A 3 -10.67 13.59 -13.79
N PHE A 4 -11.70 12.87 -13.36
CA PHE A 4 -11.49 11.72 -12.49
C PHE A 4 -10.95 10.56 -13.32
N LEU A 5 -11.20 10.61 -14.63
CA LEU A 5 -10.80 9.56 -15.55
C LEU A 5 -9.30 9.55 -15.83
N LEU A 6 -8.66 10.69 -15.69
CA LEU A 6 -7.27 10.86 -16.11
C LEU A 6 -6.30 9.96 -15.34
N ARG A 7 -6.57 9.74 -14.06
CA ARG A 7 -5.70 8.90 -13.25
C ARG A 7 -5.80 7.43 -13.67
N PHE A 8 -6.95 7.07 -14.24
CA PHE A 8 -7.15 5.71 -14.73
C PHE A 8 -6.50 5.53 -16.09
N LEU A 9 -6.50 6.60 -16.88
CA LEU A 9 -5.85 6.59 -18.19
C LEU A 9 -4.33 6.47 -18.02
N ARG A 10 -3.78 7.26 -17.11
CA ARG A 10 -2.35 7.23 -16.85
C ARG A 10 -1.92 5.89 -16.25
N ALA A 11 -2.85 5.23 -15.56
CA ALA A 11 -2.58 3.95 -14.95
C ALA A 11 -2.50 2.84 -16.00
N ARG A 12 -3.10 3.07 -17.15
CA ARG A 12 -3.13 2.08 -18.22
C ARG A 12 -2.61 2.64 -19.53
N ASP A 13 -1.65 3.57 -19.44
CA ASP A 13 -0.97 4.14 -20.60
C ASP A 13 -1.94 4.68 -21.65
N PHE A 14 -2.99 5.35 -21.18
CA PHE A 14 -3.98 6.00 -22.04
C PHE A 14 -4.65 5.03 -23.00
N ASP A 15 -4.76 3.77 -22.58
CA ASP A 15 -5.59 2.79 -23.26
C ASP A 15 -6.99 2.92 -22.67
N LEU A 16 -7.93 3.43 -23.45
CA LEU A 16 -9.26 3.73 -22.94
C LEU A 16 -10.03 2.49 -22.53
N ASP A 17 -9.83 1.38 -23.27
CA ASP A 17 -10.45 0.12 -22.91
C ASP A 17 -10.00 -0.36 -21.53
N LEU A 18 -8.69 -0.41 -21.34
CA LEU A 18 -8.11 -0.90 -20.08
C LEU A 18 -8.41 0.04 -18.92
N ALA A 19 -8.37 1.34 -19.19
CA ALA A 19 -8.69 2.35 -18.18
C ALA A 19 -10.14 2.22 -17.75
N TRP A 20 -11.01 1.91 -18.71
CA TRP A 20 -12.43 1.75 -18.44
C TRP A 20 -12.70 0.53 -17.56
N ARG A 21 -12.01 -0.56 -17.85
CA ARG A 21 -12.14 -1.79 -17.08
C ARG A 21 -11.64 -1.58 -15.65
N LEU A 22 -10.57 -0.81 -15.52
CA LEU A 22 -10.00 -0.49 -14.21
C LEU A 22 -10.99 0.35 -13.41
N LEU A 23 -11.64 1.28 -14.09
CA LEU A 23 -12.63 2.15 -13.47
C LEU A 23 -13.83 1.34 -12.98
N LYS A 24 -14.21 0.33 -13.75
CA LYS A 24 -15.31 -0.55 -13.39
C LYS A 24 -15.01 -1.31 -12.10
N ASN A 25 -13.80 -1.87 -12.04
CA ASN A 25 -13.38 -2.64 -10.88
C ASN A 25 -13.15 -1.77 -9.65
N TYR A 26 -12.74 -0.53 -9.87
CA TYR A 26 -12.51 0.43 -8.79
C TYR A 26 -13.78 0.71 -8.00
N TYR A 27 -14.92 0.63 -8.68
CA TYR A 27 -16.21 0.93 -8.07
C TYR A 27 -16.89 -0.29 -7.46
N LYS A 28 -16.41 -1.48 -7.79
N LYS A 28 -16.41 -1.48 -7.79
CA LYS A 28 -17.08 -2.70 -7.37
CA LYS A 28 -17.08 -2.70 -7.37
C LYS A 28 -16.22 -3.62 -6.51
C LYS A 28 -16.22 -3.62 -6.51
N TRP A 29 -14.93 -3.34 -6.40
CA TRP A 29 -14.00 -4.23 -5.70
C TRP A 29 -14.32 -4.33 -4.21
N ARG A 30 -14.76 -3.23 -3.61
CA ARG A 30 -15.12 -3.23 -2.19
C ARG A 30 -16.37 -4.06 -1.96
N ALA A 31 -17.26 -4.09 -2.94
CA ALA A 31 -18.57 -4.71 -2.81
C ALA A 31 -18.50 -6.24 -2.66
N GLU A 32 -17.35 -6.81 -2.99
CA GLU A 32 -17.14 -8.25 -2.88
C GLU A 32 -17.33 -8.72 -1.43
N CYS A 33 -18.29 -9.61 -1.22
CA CYS A 33 -18.69 -10.05 0.11
C CYS A 33 -17.62 -10.93 0.77
N PRO A 34 -17.29 -10.63 2.05
CA PRO A 34 -17.83 -9.52 2.84
C PRO A 34 -17.20 -8.18 2.47
N GLU A 35 -18.03 -7.16 2.31
CA GLU A 35 -17.55 -5.88 1.81
C GLU A 35 -16.72 -5.11 2.82
N ILE A 36 -15.82 -4.27 2.31
CA ILE A 36 -15.14 -3.28 3.13
C ILE A 36 -15.78 -1.92 2.86
N SER A 37 -16.07 -1.18 3.92
CA SER A 37 -16.79 0.09 3.79
C SER A 37 -16.01 1.12 2.99
N ALA A 38 -16.70 2.18 2.58
CA ALA A 38 -16.09 3.24 1.78
C ALA A 38 -15.57 4.36 2.66
N ASP A 39 -15.74 4.20 3.98
CA ASP A 39 -15.25 5.17 4.95
C ASP A 39 -13.75 5.37 4.83
N LEU A 40 -13.33 6.62 4.69
CA LEU A 40 -11.91 6.92 4.53
C LEU A 40 -11.42 7.98 5.52
N HIS A 41 -12.23 8.26 6.54
CA HIS A 41 -11.82 9.19 7.58
C HIS A 41 -10.87 8.50 8.53
N PRO A 42 -9.76 9.18 8.88
CA PRO A 42 -8.67 8.60 9.69
C PRO A 42 -9.00 8.36 11.16
N ARG A 43 -10.19 8.74 11.61
CA ARG A 43 -10.52 8.68 13.04
C ARG A 43 -10.50 7.26 13.60
N SER A 44 -10.81 6.28 12.78
CA SER A 44 -10.91 4.90 13.25
C SER A 44 -9.58 4.16 13.20
N ILE A 45 -8.58 4.78 12.58
CA ILE A 45 -7.28 4.14 12.42
C ILE A 45 -6.11 5.03 12.87
N ILE A 46 -6.42 6.10 13.59
CA ILE A 46 -5.39 7.03 14.04
C ILE A 46 -4.41 6.35 15.00
N GLY A 47 -4.90 5.34 15.73
CA GLY A 47 -4.05 4.56 16.61
C GLY A 47 -2.99 3.80 15.84
N LEU A 48 -3.35 3.31 14.66
CA LEU A 48 -2.42 2.63 13.79
C LEU A 48 -1.31 3.57 13.32
N LEU A 49 -1.72 4.78 12.94
CA LEU A 49 -0.78 5.80 12.48
C LEU A 49 0.17 6.21 13.61
N LYS A 50 -0.37 6.37 14.81
CA LYS A 50 0.41 6.77 15.97
C LYS A 50 1.37 5.66 16.41
N ALA A 51 0.99 4.41 16.13
CA ALA A 51 1.82 3.27 16.50
C ALA A 51 3.03 3.12 15.56
N GLY A 52 3.06 3.95 14.51
CA GLY A 52 4.16 3.94 13.58
C GLY A 52 4.12 2.77 12.61
N TYR A 53 2.90 2.37 12.23
CA TYR A 53 2.72 1.24 11.33
C TYR A 53 3.13 1.54 9.90
N HIS A 54 2.99 2.80 9.50
CA HIS A 54 3.06 3.12 8.08
C HIS A 54 3.54 4.56 7.81
N GLY A 55 4.32 4.72 6.75
CA GLY A 55 4.81 6.04 6.36
C GLY A 55 5.24 6.07 4.91
N VAL A 56 5.31 7.27 4.34
CA VAL A 56 5.72 7.46 2.95
C VAL A 56 6.98 8.30 2.84
N LEU A 57 7.97 7.80 2.11
CA LEU A 57 9.21 8.54 1.92
C LEU A 57 8.95 9.83 1.13
N ARG A 58 9.65 10.90 1.49
CA ARG A 58 9.43 12.19 0.86
C ARG A 58 10.07 12.25 -0.53
N SER A 59 11.09 11.43 -0.75
CA SER A 59 11.78 11.40 -2.03
C SER A 59 11.43 10.14 -2.82
N ARG A 60 11.48 10.25 -4.14
CA ARG A 60 11.13 9.14 -5.02
C ARG A 60 12.33 8.26 -5.32
N ASP A 61 12.07 7.07 -5.86
CA ASP A 61 13.14 6.15 -6.25
C ASP A 61 13.69 6.60 -7.61
N PRO A 62 14.82 6.01 -8.08
CA PRO A 62 15.42 6.48 -9.34
C PRO A 62 14.49 6.52 -10.56
N THR A 63 13.35 5.82 -10.52
CA THR A 63 12.43 5.83 -11.65
C THR A 63 11.25 6.76 -11.40
N GLY A 64 11.24 7.43 -10.26
CA GLY A 64 10.21 8.40 -9.93
C GLY A 64 9.02 7.83 -9.18
N SER A 65 9.15 6.59 -8.73
CA SER A 65 8.07 5.94 -7.99
C SER A 65 7.99 6.45 -6.57
N LYS A 66 6.76 6.64 -6.08
CA LYS A 66 6.55 6.94 -4.68
C LYS A 66 6.86 5.68 -3.88
N VAL A 67 7.51 5.83 -2.72
CA VAL A 67 7.92 4.67 -1.93
C VAL A 67 7.18 4.62 -0.59
N LEU A 68 6.50 3.51 -0.35
CA LEU A 68 5.71 3.32 0.85
C LEU A 68 6.35 2.28 1.76
N ILE A 69 6.30 2.50 3.07
CA ILE A 69 6.87 1.57 4.03
C ILE A 69 5.83 1.12 5.06
N TYR A 70 5.70 -0.20 5.22
CA TYR A 70 4.81 -0.77 6.22
C TYR A 70 5.60 -1.60 7.23
N ARG A 71 5.24 -1.48 8.50
CA ARG A 71 5.91 -2.24 9.56
C ARG A 71 4.88 -3.07 10.33
N ILE A 72 4.88 -4.38 10.08
CA ILE A 72 3.86 -5.26 10.62
C ILE A 72 3.93 -5.38 12.13
N ALA A 73 5.10 -5.09 12.70
CA ALA A 73 5.30 -5.20 14.15
C ALA A 73 4.51 -4.13 14.89
N HIS A 74 4.17 -3.06 14.20
CA HIS A 74 3.45 -1.95 14.81
C HIS A 74 1.94 -2.07 14.60
N TRP A 75 1.52 -3.20 14.04
CA TRP A 75 0.10 -3.53 13.95
C TRP A 75 -0.25 -4.53 15.04
N ASP A 76 -1.07 -4.08 15.99
CA ASP A 76 -1.59 -4.97 17.03
C ASP A 76 -2.90 -5.57 16.55
N PRO A 77 -2.90 -6.88 16.23
CA PRO A 77 -4.07 -7.56 15.68
C PRO A 77 -5.19 -7.71 16.70
N LYS A 78 -4.89 -7.46 17.97
CA LYS A 78 -5.89 -7.51 19.02
C LYS A 78 -6.74 -6.24 19.03
N VAL A 79 -6.17 -5.15 18.54
CA VAL A 79 -6.83 -3.85 18.56
C VAL A 79 -7.41 -3.48 17.19
N PHE A 80 -6.65 -3.74 16.14
CA PHE A 80 -7.08 -3.41 14.78
C PHE A 80 -7.25 -4.66 13.91
N THR A 81 -8.33 -4.68 13.15
CA THR A 81 -8.60 -5.79 12.24
C THR A 81 -7.85 -5.61 10.92
N ALA A 82 -7.92 -6.62 10.06
CA ALA A 82 -7.31 -6.54 8.74
C ALA A 82 -7.97 -5.46 7.92
N TYR A 83 -9.25 -5.22 8.18
CA TYR A 83 -10.01 -4.20 7.47
C TYR A 83 -9.58 -2.80 7.89
N ASP A 84 -9.27 -2.63 9.17
CA ASP A 84 -8.70 -1.39 9.66
C ASP A 84 -7.38 -1.09 8.97
N VAL A 85 -6.52 -2.11 8.92
CA VAL A 85 -5.21 -1.99 8.33
C VAL A 85 -5.29 -1.76 6.82
N PHE A 86 -6.22 -2.45 6.18
CA PHE A 86 -6.42 -2.30 4.75
C PHE A 86 -6.89 -0.86 4.48
N ARG A 87 -7.72 -0.34 5.37
N ARG A 87 -7.72 -0.34 5.36
CA ARG A 87 -8.26 1.01 5.22
CA ARG A 87 -8.26 1.01 5.22
C ARG A 87 -7.16 2.06 5.25
C ARG A 87 -7.14 2.06 5.22
N VAL A 88 -6.09 1.77 6.00
CA VAL A 88 -4.94 2.68 6.07
C VAL A 88 -4.27 2.80 4.70
N SER A 89 -4.15 1.67 4.01
CA SER A 89 -3.54 1.65 2.69
C SER A 89 -4.43 2.34 1.66
N LEU A 90 -5.74 2.18 1.79
CA LEU A 90 -6.68 2.85 0.91
C LEU A 90 -6.61 4.35 1.09
N ILE A 91 -6.52 4.79 2.35
CA ILE A 91 -6.40 6.21 2.67
C ILE A 91 -5.13 6.80 2.06
N THR A 92 -4.01 6.12 2.26
CA THR A 92 -2.73 6.54 1.70
C THR A 92 -2.79 6.57 0.18
N SER A 93 -3.38 5.54 -0.41
CA SER A 93 -3.44 5.39 -1.86
C SER A 93 -4.25 6.50 -2.53
N GLU A 94 -5.38 6.87 -1.93
CA GLU A 94 -6.22 7.92 -2.49
C GLU A 94 -5.55 9.28 -2.40
N LEU A 95 -4.58 9.40 -1.50
CA LEU A 95 -3.85 10.65 -1.32
C LEU A 95 -2.70 10.78 -2.30
N ILE A 96 -1.91 9.72 -2.46
CA ILE A 96 -0.72 9.79 -3.30
C ILE A 96 -1.06 9.71 -4.78
N VAL A 97 -2.26 9.22 -5.10
CA VAL A 97 -2.67 9.11 -6.49
C VAL A 97 -2.97 10.49 -7.07
N GLN A 98 -3.07 11.49 -6.20
CA GLN A 98 -3.30 12.86 -6.62
C GLN A 98 -2.08 13.45 -7.33
N GLU A 99 -0.90 12.94 -7.00
CA GLU A 99 0.34 13.39 -7.64
C GLU A 99 0.47 12.80 -9.04
N VAL A 100 0.61 13.68 -10.03
CA VAL A 100 0.71 13.28 -11.42
C VAL A 100 1.93 12.39 -11.66
N GLU A 101 3.04 12.73 -11.02
CA GLU A 101 4.28 11.97 -11.18
C GLU A 101 4.14 10.56 -10.62
N THR A 102 3.27 10.39 -9.63
CA THR A 102 2.99 9.07 -9.08
C THR A 102 2.08 8.31 -10.03
N GLN A 103 1.17 9.04 -10.68
CA GLN A 103 0.29 8.44 -11.68
C GLN A 103 1.12 7.91 -12.86
N ARG A 104 2.21 8.60 -13.17
CA ARG A 104 3.04 8.25 -14.32
C ARG A 104 4.09 7.19 -13.98
N ASN A 105 4.66 7.27 -12.78
CA ASN A 105 5.80 6.41 -12.43
C ASN A 105 5.47 5.35 -11.39
N GLY A 106 4.21 5.30 -10.95
CA GLY A 106 3.75 4.25 -10.05
C GLY A 106 4.33 4.31 -8.66
N ILE A 107 4.17 3.22 -7.91
CA ILE A 107 4.63 3.14 -6.53
C ILE A 107 5.46 1.88 -6.28
N LYS A 108 6.23 1.89 -5.20
CA LYS A 108 6.93 0.71 -4.73
C LYS A 108 6.71 0.53 -3.24
N LEU A 109 6.57 -0.72 -2.82
CA LEU A 109 6.22 -1.03 -1.44
C LEU A 109 7.34 -1.73 -0.70
N ILE A 110 7.60 -1.31 0.54
CA ILE A 110 8.52 -2.01 1.41
C ILE A 110 7.77 -2.52 2.64
N PHE A 111 7.70 -3.85 2.77
CA PHE A 111 7.02 -4.47 3.91
C PHE A 111 8.02 -5.08 4.88
N ASP A 112 8.21 -4.43 6.02
CA ASP A 112 9.02 -5.00 7.09
C ASP A 112 8.18 -6.03 7.84
N LEU A 113 8.42 -7.31 7.55
CA LEU A 113 7.61 -8.38 8.12
C LEU A 113 8.22 -8.93 9.40
N GLU A 114 9.17 -8.22 9.97
CA GLU A 114 9.75 -8.60 11.25
C GLU A 114 8.69 -8.50 12.35
N GLY A 115 8.48 -9.59 13.07
CA GLY A 115 7.50 -9.62 14.13
C GLY A 115 6.14 -10.12 13.66
N TRP A 116 6.10 -10.64 12.43
CA TRP A 116 4.88 -11.26 11.91
C TRP A 116 4.50 -12.45 12.77
N GLN A 117 3.27 -12.47 13.26
CA GLN A 117 2.80 -13.53 14.12
C GLN A 117 1.63 -14.29 13.50
N PHE A 118 1.28 -15.42 14.09
CA PHE A 118 0.12 -16.20 13.64
C PHE A 118 -1.17 -15.41 13.85
N SER A 119 -1.14 -14.50 14.82
CA SER A 119 -2.30 -13.64 15.08
C SER A 119 -2.55 -12.70 13.90
N HIS A 120 -1.47 -12.31 13.22
CA HIS A 120 -1.58 -11.53 11.99
C HIS A 120 -2.19 -12.38 10.89
N ALA A 121 -1.68 -13.62 10.76
CA ALA A 121 -2.12 -14.53 9.71
C ALA A 121 -3.58 -14.91 9.87
N PHE A 122 -4.07 -14.93 11.11
CA PHE A 122 -5.45 -15.27 11.39
C PHE A 122 -6.41 -14.28 10.76
N GLN A 123 -5.96 -13.04 10.61
CA GLN A 123 -6.76 -11.98 10.02
C GLN A 123 -6.86 -12.13 8.50
N ILE A 124 -5.87 -12.79 7.90
CA ILE A 124 -5.82 -12.91 6.46
C ILE A 124 -6.61 -14.11 5.95
N THR A 125 -7.92 -13.92 5.81
CA THR A 125 -8.81 -14.94 5.28
C THR A 125 -8.71 -14.96 3.74
N PRO A 126 -9.20 -16.03 3.11
CA PRO A 126 -9.22 -16.09 1.64
C PRO A 126 -9.90 -14.87 0.99
N SER A 127 -10.95 -14.35 1.63
CA SER A 127 -11.65 -13.19 1.10
C SER A 127 -10.75 -11.95 1.15
N VAL A 128 -10.05 -11.79 2.26
CA VAL A 128 -9.11 -10.68 2.42
C VAL A 128 -7.95 -10.81 1.44
N ALA A 129 -7.47 -12.04 1.28
CA ALA A 129 -6.33 -12.32 0.42
C ALA A 129 -6.59 -11.92 -1.03
N LYS A 130 -7.79 -12.20 -1.53
CA LYS A 130 -8.13 -11.88 -2.92
C LYS A 130 -8.43 -10.40 -3.08
N LYS A 131 -8.81 -9.74 -2.00
CA LYS A 131 -8.98 -8.29 -2.01
C LYS A 131 -7.61 -7.62 -2.12
N ILE A 132 -6.64 -8.20 -1.44
CA ILE A 132 -5.25 -7.75 -1.53
C ILE A 132 -4.75 -7.83 -2.97
N ALA A 133 -5.02 -8.97 -3.61
CA ALA A 133 -4.59 -9.20 -4.98
C ALA A 133 -5.31 -8.29 -5.96
N ALA A 134 -6.53 -7.89 -5.62
CA ALA A 134 -7.34 -7.06 -6.49
C ALA A 134 -6.77 -5.64 -6.61
N VAL A 135 -6.49 -5.02 -5.48
CA VAL A 135 -5.98 -3.65 -5.46
C VAL A 135 -4.55 -3.60 -5.99
N LEU A 136 -3.84 -4.73 -5.92
CA LEU A 136 -2.47 -4.79 -6.40
C LEU A 136 -2.40 -4.97 -7.91
N THR A 137 -3.48 -5.42 -8.52
CA THR A 137 -3.45 -5.77 -9.94
C THR A 137 -4.33 -4.88 -10.83
N ASP A 138 -5.64 -4.90 -10.60
CA ASP A 138 -6.55 -4.22 -11.52
C ASP A 138 -7.82 -3.68 -10.86
N SER A 139 -7.70 -3.07 -9.69
CA SER A 139 -8.86 -2.52 -9.01
C SER A 139 -8.61 -1.14 -8.39
N PHE A 140 -7.37 -0.66 -8.50
CA PHE A 140 -7.04 0.69 -8.04
C PHE A 140 -6.07 1.35 -9.02
N PRO A 141 -6.33 2.62 -9.36
CA PRO A 141 -5.52 3.36 -10.33
C PRO A 141 -4.12 3.73 -9.84
N LEU A 142 -3.39 2.75 -9.31
CA LEU A 142 -1.99 2.92 -8.96
C LEU A 142 -1.18 1.75 -9.50
N LYS A 143 -0.09 2.05 -10.19
CA LYS A 143 0.75 1.00 -10.76
C LYS A 143 1.78 0.53 -9.75
N VAL A 144 1.63 -0.70 -9.27
CA VAL A 144 2.58 -1.28 -8.33
C VAL A 144 3.81 -1.76 -9.10
N ARG A 145 4.89 -0.98 -9.02
CA ARG A 145 6.08 -1.25 -9.81
C ARG A 145 7.06 -2.16 -9.09
N GLY A 146 6.81 -2.41 -7.81
CA GLY A 146 7.69 -3.26 -7.02
C GLY A 146 7.22 -3.49 -5.60
N ILE A 147 7.31 -4.73 -5.14
CA ILE A 147 6.98 -5.08 -3.77
C ILE A 147 8.19 -5.73 -3.11
N HIS A 148 8.70 -5.10 -2.06
CA HIS A 148 9.89 -5.59 -1.38
C HIS A 148 9.59 -6.06 0.04
N LEU A 149 9.74 -7.37 0.26
CA LEU A 149 9.53 -7.97 1.57
C LEU A 149 10.87 -8.18 2.27
N ILE A 150 10.99 -7.66 3.49
CA ILE A 150 12.21 -7.83 4.27
C ILE A 150 11.90 -8.45 5.63
N ASN A 151 12.89 -9.16 6.18
CA ASN A 151 12.76 -9.82 7.48
C ASN A 151 11.58 -10.79 7.55
N GLU A 152 11.28 -11.45 6.44
CA GLU A 152 10.16 -12.38 6.38
C GLU A 152 10.47 -13.66 7.15
N PRO A 153 9.61 -14.00 8.13
CA PRO A 153 9.72 -15.27 8.85
C PRO A 153 9.22 -16.41 7.99
N VAL A 154 9.64 -17.63 8.27
CA VAL A 154 9.26 -18.78 7.45
C VAL A 154 7.76 -19.06 7.48
N ILE A 155 7.09 -18.63 8.54
CA ILE A 155 5.66 -18.89 8.69
C ILE A 155 4.81 -17.98 7.79
N PHE A 156 5.45 -17.05 7.10
CA PHE A 156 4.71 -16.09 6.30
C PHE A 156 4.26 -16.64 4.94
N HIS A 157 5.02 -17.58 4.39
CA HIS A 157 4.75 -18.05 3.03
C HIS A 157 3.40 -18.74 2.90
N ALA A 158 2.88 -19.24 4.01
CA ALA A 158 1.54 -19.80 4.03
C ALA A 158 0.53 -18.73 3.66
N VAL A 159 0.73 -17.53 4.18
CA VAL A 159 -0.12 -16.40 3.85
C VAL A 159 0.08 -15.97 2.41
N PHE A 160 1.34 -15.90 1.98
CA PHE A 160 1.67 -15.52 0.61
C PHE A 160 1.10 -16.54 -0.38
N SER A 161 1.09 -17.81 0.03
CA SER A 161 0.56 -18.88 -0.83
C SER A 161 -0.94 -18.73 -1.02
N MET A 162 -1.61 -18.03 -0.09
CA MET A 162 -3.02 -17.75 -0.20
C MET A 162 -3.28 -16.65 -1.23
N ILE A 163 -2.33 -15.72 -1.31
CA ILE A 163 -2.47 -14.54 -2.16
C ILE A 163 -2.01 -14.82 -3.59
N LYS A 164 -0.92 -15.58 -3.71
CA LYS A 164 -0.26 -15.86 -4.98
C LYS A 164 -1.17 -16.28 -6.15
N PRO A 165 -2.10 -17.23 -5.94
CA PRO A 165 -2.88 -17.70 -7.11
C PRO A 165 -3.80 -16.64 -7.71
N PHE A 166 -4.03 -15.53 -7.01
CA PHE A 166 -4.87 -14.46 -7.52
C PHE A 166 -4.02 -13.34 -8.13
N LEU A 167 -2.71 -13.53 -8.11
CA LEU A 167 -1.79 -12.51 -8.64
C LEU A 167 -1.45 -12.78 -10.10
N THR A 168 -1.34 -11.71 -10.88
CA THR A 168 -0.93 -11.81 -12.28
C THR A 168 0.56 -12.13 -12.36
N GLU A 169 1.01 -12.50 -13.55
CA GLU A 169 2.42 -12.78 -13.76
C GLU A 169 3.26 -11.51 -13.62
N LYS A 170 2.69 -10.39 -14.07
CA LYS A 170 3.36 -9.11 -14.01
C LYS A 170 3.74 -8.72 -12.58
N ILE A 171 2.80 -8.83 -11.66
CA ILE A 171 3.03 -8.43 -10.28
C ILE A 171 3.90 -9.45 -9.54
N LYS A 172 3.80 -10.72 -9.93
CA LYS A 172 4.55 -11.78 -9.28
C LYS A 172 6.06 -11.62 -9.47
N GLU A 173 6.45 -11.18 -10.66
CA GLU A 173 7.87 -10.99 -10.96
C GLU A 173 8.36 -9.65 -10.45
N ARG A 174 7.47 -8.90 -9.80
CA ARG A 174 7.83 -7.62 -9.21
C ARG A 174 7.90 -7.73 -7.69
N ILE A 175 7.80 -8.94 -7.18
CA ILE A 175 7.88 -9.19 -5.74
C ILE A 175 9.25 -9.71 -5.36
N HIS A 176 9.89 -9.05 -4.40
CA HIS A 176 11.25 -9.42 -3.98
C HIS A 176 11.28 -9.79 -2.51
N MET A 177 11.90 -10.93 -2.20
CA MET A 177 12.06 -11.38 -0.82
C MET A 177 13.53 -11.36 -0.43
N HIS A 178 13.88 -10.45 0.48
CA HIS A 178 15.27 -10.18 0.78
C HIS A 178 15.79 -10.92 2.02
N GLY A 179 14.88 -11.38 2.86
CA GLY A 179 15.27 -12.08 4.08
C GLY A 179 15.77 -11.12 5.14
N ASN A 180 16.53 -11.63 6.09
CA ASN A 180 17.06 -10.82 7.18
C ASN A 180 18.28 -10.01 6.77
N ASN A 181 18.99 -10.48 5.74
CA ASN A 181 20.12 -9.75 5.19
C ASN A 181 19.69 -8.95 3.97
N TYR A 182 18.95 -7.88 4.20
CA TYR A 182 18.27 -7.14 3.14
C TYR A 182 19.00 -5.87 2.72
N LYS A 183 19.87 -5.37 3.61
CA LYS A 183 20.38 -4.00 3.51
C LYS A 183 21.02 -3.64 2.17
N GLN A 184 21.95 -4.46 1.69
N GLN A 184 21.97 -4.46 1.73
CA GLN A 184 22.69 -4.14 0.49
CA GLN A 184 22.69 -4.20 0.49
C GLN A 184 21.84 -4.23 -0.78
C GLN A 184 21.77 -4.19 -0.72
N SER A 185 20.93 -5.20 -0.83
CA SER A 185 20.04 -5.35 -1.98
C SER A 185 18.94 -4.28 -1.96
N LEU A 186 18.47 -3.94 -0.78
CA LEU A 186 17.44 -2.91 -0.64
C LEU A 186 18.01 -1.53 -1.00
N LEU A 187 19.26 -1.31 -0.63
CA LEU A 187 19.94 -0.05 -0.93
C LEU A 187 20.16 0.13 -2.42
N GLN A 188 20.34 -0.98 -3.13
CA GLN A 188 20.51 -0.93 -4.58
C GLN A 188 19.25 -0.42 -5.26
N HIS A 189 18.10 -0.90 -4.81
CA HIS A 189 16.82 -0.49 -5.38
C HIS A 189 16.45 0.94 -4.98
N PHE A 190 16.83 1.33 -3.76
CA PHE A 190 16.43 2.63 -3.23
C PHE A 190 17.61 3.43 -2.66
N PRO A 191 18.48 3.95 -3.54
CA PRO A 191 19.60 4.74 -3.04
C PRO A 191 19.16 6.10 -2.50
N ASP A 192 19.88 6.58 -1.48
CA ASP A 192 19.77 7.94 -0.97
C ASP A 192 18.47 8.28 -0.22
N ILE A 193 17.46 7.42 -0.29
CA ILE A 193 16.14 7.80 0.21
C ILE A 193 15.64 6.98 1.41
N LEU A 194 16.29 5.85 1.69
CA LEU A 194 15.85 4.99 2.79
C LEU A 194 16.05 5.64 4.15
N PRO A 195 15.21 5.27 5.13
CA PRO A 195 15.39 5.73 6.52
C PRO A 195 16.56 5.03 7.20
N LEU A 196 16.97 5.54 8.36
CA LEU A 196 18.11 5.01 9.10
C LEU A 196 17.98 3.54 9.45
N GLU A 197 16.76 3.12 9.77
CA GLU A 197 16.50 1.74 10.19
C GLU A 197 16.79 0.73 9.09
N TYR A 198 16.81 1.19 7.84
CA TYR A 198 16.94 0.28 6.71
C TYR A 198 18.17 0.60 5.86
N GLY A 199 19.16 1.24 6.47
CA GLY A 199 20.42 1.51 5.81
C GLY A 199 20.58 2.93 5.33
N GLY A 200 19.58 3.76 5.58
CA GLY A 200 19.60 5.15 5.15
C GLY A 200 20.58 6.01 5.92
N GLU A 201 20.62 7.29 5.58
CA GLU A 201 21.64 8.18 6.12
C GLU A 201 21.12 9.24 7.10
N GLU A 202 19.89 9.70 6.90
CA GLU A 202 19.42 10.88 7.63
C GLU A 202 18.18 10.66 8.47
N PHE A 203 17.04 10.44 7.82
CA PHE A 203 15.76 10.40 8.53
C PHE A 203 15.47 9.07 9.21
N SER A 204 14.70 9.13 10.29
CA SER A 204 14.27 7.92 11.00
C SER A 204 12.83 7.58 10.64
N MET A 205 12.44 6.33 10.86
CA MET A 205 11.09 5.87 10.56
C MET A 205 10.04 6.63 11.37
N GLU A 206 10.38 6.97 12.60
CA GLU A 206 9.47 7.68 13.50
C GLU A 206 9.06 9.03 12.94
N ASP A 207 10.04 9.77 12.42
CA ASP A 207 9.77 11.07 11.82
C ASP A 207 8.97 10.91 10.54
N ILE A 208 9.31 9.91 9.75
CA ILE A 208 8.62 9.62 8.49
C ILE A 208 7.16 9.25 8.75
N CYS A 209 6.93 8.42 9.75
CA CYS A 209 5.59 8.02 10.13
C CYS A 209 4.78 9.20 10.66
N GLN A 210 5.41 10.02 11.49
CA GLN A 210 4.74 11.18 12.07
C GLN A 210 4.39 12.20 11.00
N GLU A 211 5.29 12.36 10.03
CA GLU A 211 5.07 13.30 8.93
C GLU A 211 3.89 12.86 8.07
N TRP A 212 3.76 11.56 7.83
CA TRP A 212 2.66 11.07 7.00
C TRP A 212 1.36 11.05 7.78
N THR A 213 1.45 10.82 9.08
CA THR A 213 0.28 10.88 9.96
C THR A 213 -0.32 12.28 9.92
N ASN A 214 0.55 13.29 10.01
CA ASN A 214 0.12 14.67 9.95
C ASN A 214 -0.55 15.01 8.62
N PHE A 215 0.00 14.50 7.53
CA PHE A 215 -0.54 14.76 6.20
C PHE A 215 -1.91 14.13 6.03
N ILE A 216 -2.11 12.96 6.63
CA ILE A 216 -3.38 12.27 6.56
C ILE A 216 -4.45 13.03 7.36
N MET A 217 -4.10 13.41 8.58
CA MET A 217 -4.99 14.19 9.44
C MET A 217 -5.36 15.50 8.76
N LYS A 218 -4.36 16.14 8.16
CA LYS A 218 -4.54 17.40 7.46
C LYS A 218 -5.49 17.26 6.27
N SER A 219 -5.53 16.07 5.69
CA SER A 219 -6.30 15.82 4.48
C SER A 219 -7.67 15.17 4.78
N GLU A 220 -8.10 15.23 6.03
CA GLU A 220 -9.30 14.51 6.46
C GLU A 220 -10.57 14.95 5.73
N ASP A 221 -10.60 16.20 5.28
CA ASP A 221 -11.77 16.72 4.58
C ASP A 221 -11.83 16.23 3.14
N TYR A 222 -10.67 16.09 2.51
CA TYR A 222 -10.60 15.53 1.17
C TYR A 222 -10.97 14.06 1.20
N LEU A 223 -10.53 13.36 2.24
CA LEU A 223 -10.81 11.95 2.40
C LEU A 223 -12.31 11.70 2.58
N SER A 224 -12.98 12.61 3.28
CA SER A 224 -14.42 12.50 3.49
C SER A 224 -15.18 12.69 2.18
N SER A 225 -14.70 13.61 1.35
CA SER A 225 -15.35 13.91 0.08
C SER A 225 -15.15 12.79 -0.93
N ILE A 226 -14.00 12.11 -0.86
CA ILE A 226 -13.75 10.95 -1.71
C ILE A 226 -14.68 9.81 -1.32
N SER A 227 -14.81 9.60 -0.01
CA SER A 227 -15.72 8.57 0.52
C SER A 227 -17.15 8.82 0.05
N GLU A 228 -17.51 10.10 -0.08
CA GLU A 228 -18.84 10.48 -0.53
C GLU A 228 -19.01 10.25 -2.03
N SER A 229 -17.90 10.29 -2.77
CA SER A 229 -17.95 10.21 -4.23
C SER A 229 -17.88 8.79 -4.77
N ILE A 230 -17.87 7.81 -3.86
CA ILE A 230 -17.87 6.41 -4.29
C ILE A 230 -19.02 5.63 -3.67
N GLN A 231 -20.01 6.37 -3.16
CA GLN A 231 -21.22 5.75 -2.62
C GLN A 231 -22.43 6.65 -2.84
#